data_5E8X
#
_entry.id   5E8X
#
_cell.length_a   49.880
_cell.length_b   61.150
_cell.length_c   85.500
_cell.angle_alpha   90.000
_cell.angle_beta   90.000
_cell.angle_gamma   90.000
#
_symmetry.space_group_name_H-M   'P 21 21 21'
#
loop_
_entity.id
_entity.type
_entity.pdbx_description
1 polymer 'TGF-beta receptor type-1'
2 non-polymer STAUROSPORINE
3 non-polymer GLYCEROL
4 water water
#
_entity_poly.entity_id   1
_entity_poly.type   'polypeptide(L)'
_entity_poly.pdbx_seq_one_letter_code
;GHMTIARDIVLQESVGKGRFGEVWRGKWRGEEVAVKIFSSREERSWFREAEIFQTVMLRHENILGFIAADNKDNGTWTQL
WLVTDFHEHGNLFDYLNRYTVTVEGMIKLALSTASGLAHLHMEIVGTQGKPAIAHRDLKSKNILVKKNGTCCICDFGLAV
RHDSATDTIDIAPNHRVGTKRYMAPEVLDDSINMKHFESFKRADIYAMGLVFWEIARRCSIGGIHEDYQLPYYDLVPSDP
SVEEMRKVVCEQKLRPNIPNRWQSCEALRVMAKIMRECWYANGAARLTALRIKKTLSQLSQQEGIKM
;
_entity_poly.pdbx_strand_id   A
#
# COMPACT_ATOMS: atom_id res chain seq x y z
N THR A 4 -16.91 20.82 3.04
CA THR A 4 -16.29 22.08 2.61
C THR A 4 -15.28 22.50 3.66
N ILE A 5 -14.01 22.68 3.25
CA ILE A 5 -12.91 22.93 4.20
C ILE A 5 -11.81 23.87 3.70
N ALA A 6 -11.57 23.88 2.38
CA ALA A 6 -10.48 24.59 1.72
C ALA A 6 -10.29 26.04 2.18
N ARG A 7 -11.38 26.77 2.41
CA ARG A 7 -11.30 28.16 2.85
C ARG A 7 -10.76 28.33 4.29
N ASP A 8 -10.71 27.23 5.07
CA ASP A 8 -10.22 27.21 6.44
C ASP A 8 -8.82 26.60 6.58
N ILE A 9 -8.12 26.36 5.44
CA ILE A 9 -6.76 25.78 5.45
C ILE A 9 -5.71 26.74 4.87
N VAL A 10 -4.58 26.83 5.59
CA VAL A 10 -3.42 27.62 5.19
C VAL A 10 -2.34 26.61 4.74
N LEU A 11 -1.98 26.66 3.47
CA LEU A 11 -0.94 25.78 2.91
C LEU A 11 0.45 26.24 3.36
N GLN A 12 1.23 25.33 3.97
CA GLN A 12 2.55 25.65 4.50
C GLN A 12 3.65 25.44 3.47
N GLU A 13 3.81 24.20 3.01
CA GLU A 13 4.87 23.83 2.08
C GLU A 13 4.51 22.59 1.29
N SER A 14 5.03 22.50 0.06
CA SER A 14 4.85 21.32 -0.78
C SER A 14 5.82 20.25 -0.24
N VAL A 15 5.36 18.98 -0.12
CA VAL A 15 6.16 17.86 0.39
C VAL A 15 6.42 16.72 -0.63
N GLY A 16 5.64 16.69 -1.70
CA GLY A 16 5.77 15.64 -2.70
C GLY A 16 4.79 15.74 -3.84
N LYS A 17 4.97 14.86 -4.84
CA LYS A 17 4.13 14.79 -6.03
C LYS A 17 3.71 13.33 -6.18
N GLY A 18 2.41 13.10 -6.21
CA GLY A 18 1.90 11.73 -6.34
C GLY A 18 1.85 11.35 -7.79
N ARG A 19 1.23 10.18 -8.10
CA ARG A 19 1.03 9.76 -9.49
C ARG A 19 0.30 10.92 -10.19
N PHE A 20 -0.65 11.54 -9.47
CA PHE A 20 -1.41 12.71 -9.88
C PHE A 20 -1.51 13.65 -8.68
N GLY A 21 -1.50 14.96 -8.92
CA GLY A 21 -1.58 15.97 -7.87
C GLY A 21 -0.29 16.20 -7.11
N GLU A 22 -0.26 17.30 -6.35
CA GLU A 22 0.89 17.73 -5.53
C GLU A 22 0.42 17.68 -4.06
N VAL A 23 1.28 17.18 -3.16
CA VAL A 23 0.97 17.08 -1.73
C VAL A 23 1.65 18.16 -0.96
N TRP A 24 0.86 18.85 -0.13
CA TRP A 24 1.30 19.95 0.70
C TRP A 24 1.02 19.62 2.17
N ARG A 25 1.82 20.18 3.05
CA ARG A 25 1.55 20.17 4.48
C ARG A 25 0.78 21.48 4.67
N GLY A 26 -0.31 21.41 5.39
CA GLY A 26 -1.16 22.57 5.61
C GLY A 26 -1.58 22.63 7.06
N LYS A 27 -2.22 23.72 7.44
CA LYS A 27 -2.73 23.88 8.80
C LYS A 27 -4.21 24.20 8.72
N TRP A 28 -5.03 23.39 9.41
CA TRP A 28 -6.48 23.57 9.46
C TRP A 28 -6.82 23.96 10.89
N ARG A 29 -7.10 25.26 11.12
CA ARG A 29 -7.37 25.80 12.45
C ARG A 29 -6.28 25.37 13.46
N GLY A 30 -5.01 25.44 13.05
CA GLY A 30 -3.87 25.06 13.90
C GLY A 30 -3.40 23.62 13.83
N GLU A 31 -4.21 22.71 13.24
CA GLU A 31 -3.86 21.29 13.18
C GLU A 31 -3.16 20.99 11.87
N GLU A 32 -2.07 20.22 11.92
CA GLU A 32 -1.33 19.85 10.70
C GLU A 32 -2.17 18.87 9.92
N VAL A 33 -2.33 19.11 8.61
CA VAL A 33 -3.06 18.22 7.69
C VAL A 33 -2.24 18.09 6.42
N ALA A 34 -2.53 17.06 5.59
CA ALA A 34 -1.92 16.96 4.28
C ALA A 34 -3.00 17.32 3.28
N VAL A 35 -2.61 18.07 2.26
CA VAL A 35 -3.53 18.47 1.21
C VAL A 35 -2.97 18.03 -0.12
N LYS A 36 -3.71 17.19 -0.84
CA LYS A 36 -3.34 16.82 -2.20
C LYS A 36 -4.18 17.74 -3.11
N ILE A 37 -3.46 18.59 -3.88
CA ILE A 37 -4.01 19.61 -4.79
C ILE A 37 -3.90 19.19 -6.25
N PHE A 38 -4.98 19.41 -7.01
CA PHE A 38 -5.08 19.08 -8.42
C PHE A 38 -5.65 20.27 -9.18
N SER A 39 -5.26 20.41 -10.46
CA SER A 39 -5.84 21.42 -11.34
C SER A 39 -7.04 20.75 -12.05
N SER A 40 -7.89 21.53 -12.75
CA SER A 40 -9.07 21.07 -13.50
C SER A 40 -8.72 19.97 -14.52
N ARG A 41 -7.46 19.95 -14.99
CA ARG A 41 -6.94 18.97 -15.96
C ARG A 41 -6.90 17.54 -15.41
N GLU A 42 -6.69 17.39 -14.08
CA GLU A 42 -6.62 16.08 -13.42
C GLU A 42 -7.88 15.84 -12.59
N GLU A 43 -9.03 16.45 -13.00
CA GLU A 43 -10.33 16.34 -12.33
C GLU A 43 -10.76 14.88 -12.14
N ARG A 44 -10.50 14.02 -13.15
CA ARG A 44 -10.83 12.59 -13.12
C ARG A 44 -10.09 11.83 -12.01
N SER A 45 -8.75 12.05 -11.84
CA SER A 45 -7.95 11.41 -10.80
C SER A 45 -8.36 11.91 -9.40
N TRP A 46 -8.62 13.23 -9.25
CA TRP A 46 -9.11 13.82 -7.99
C TRP A 46 -10.46 13.17 -7.62
N PHE A 47 -11.39 13.17 -8.59
CA PHE A 47 -12.72 12.60 -8.41
C PHE A 47 -12.65 11.13 -7.98
N ARG A 48 -11.80 10.31 -8.63
CA ARG A 48 -11.68 8.87 -8.32
C ARG A 48 -11.15 8.61 -6.92
N GLU A 49 -10.11 9.34 -6.54
CA GLU A 49 -9.53 9.16 -5.21
C GLU A 49 -10.49 9.62 -4.12
N ALA A 50 -11.18 10.76 -4.33
CA ALA A 50 -12.18 11.28 -3.39
C ALA A 50 -13.33 10.27 -3.21
N GLU A 51 -13.77 9.60 -4.31
CA GLU A 51 -14.83 8.58 -4.31
C GLU A 51 -14.39 7.37 -3.46
N ILE A 52 -13.18 6.85 -3.70
CA ILE A 52 -12.66 5.71 -2.92
C ILE A 52 -12.67 6.06 -1.42
N PHE A 53 -12.17 7.26 -1.08
CA PHE A 53 -12.10 7.70 0.32
C PHE A 53 -13.43 7.88 1.01
N GLN A 54 -14.47 8.20 0.24
CA GLN A 54 -15.80 8.42 0.79
C GLN A 54 -16.63 7.13 0.94
N THR A 55 -16.00 5.95 0.71
CA THR A 55 -16.66 4.65 0.87
C THR A 55 -17.09 4.47 2.33
N VAL A 56 -18.35 4.09 2.55
CA VAL A 56 -18.88 3.86 3.89
C VAL A 56 -18.13 2.65 4.51
N MET A 57 -17.75 2.79 5.78
CA MET A 57 -17.01 1.79 6.57
C MET A 57 -15.59 1.58 6.10
N LEU A 58 -15.02 2.48 5.30
CA LEU A 58 -13.61 2.31 4.89
C LEU A 58 -12.67 2.76 6.06
N ARG A 59 -13.13 3.76 6.92
CA ARG A 59 -12.22 4.23 7.98
C ARG A 59 -11.56 3.09 8.71
N HIS A 60 -10.24 3.19 8.85
CA HIS A 60 -9.46 2.14 9.49
C HIS A 60 -8.14 2.79 9.86
N GLU A 61 -7.57 2.46 11.02
CA GLU A 61 -6.33 3.12 11.46
C GLU A 61 -5.15 2.88 10.48
N ASN A 62 -5.21 1.84 9.67
CA ASN A 62 -4.10 1.57 8.75
C ASN A 62 -4.43 1.95 7.30
N ILE A 63 -5.47 2.80 7.08
CA ILE A 63 -5.78 3.40 5.79
C ILE A 63 -5.67 4.91 6.05
N LEU A 64 -4.98 5.64 5.18
CA LEU A 64 -4.83 7.10 5.34
C LEU A 64 -6.19 7.74 5.69
N GLY A 65 -6.19 8.54 6.76
CA GLY A 65 -7.41 9.17 7.26
C GLY A 65 -7.88 10.30 6.38
N PHE A 66 -9.05 10.12 5.77
CA PHE A 66 -9.64 11.14 4.92
C PHE A 66 -10.37 12.17 5.76
N ILE A 67 -10.22 13.46 5.38
CA ILE A 67 -10.91 14.55 6.07
C ILE A 67 -11.99 15.11 5.16
N ALA A 68 -11.62 15.58 3.97
CA ALA A 68 -12.61 16.18 3.06
C ALA A 68 -12.06 16.37 1.67
N ALA A 69 -12.97 16.48 0.69
CA ALA A 69 -12.64 16.82 -0.68
C ALA A 69 -13.31 18.17 -0.94
N ASP A 70 -12.66 19.01 -1.71
CA ASP A 70 -13.23 20.31 -2.03
C ASP A 70 -12.90 20.73 -3.44
N ASN A 71 -13.78 21.57 -4.03
CA ASN A 71 -13.65 22.10 -5.38
C ASN A 71 -13.92 23.61 -5.30
N LYS A 72 -12.90 24.42 -5.59
CA LYS A 72 -13.02 25.88 -5.49
C LYS A 72 -13.67 26.55 -6.70
N ASP A 73 -13.71 25.85 -7.87
CA ASP A 73 -14.26 26.38 -9.14
C ASP A 73 -13.67 27.77 -9.46
N ASN A 74 -12.33 27.88 -9.27
CA ASN A 74 -11.55 29.11 -9.44
C ASN A 74 -10.66 29.12 -10.70
N GLY A 75 -10.54 27.96 -11.35
CA GLY A 75 -9.72 27.81 -12.55
C GLY A 75 -8.22 27.87 -12.32
N THR A 76 -7.75 27.65 -11.07
CA THR A 76 -6.30 27.69 -10.76
C THR A 76 -5.71 26.33 -10.34
N TRP A 77 -4.39 26.31 -10.06
CA TRP A 77 -3.67 25.10 -9.63
C TRP A 77 -4.06 24.60 -8.24
N THR A 78 -4.85 25.39 -7.49
CA THR A 78 -5.34 25.00 -6.18
C THR A 78 -6.86 24.74 -6.26
N GLN A 79 -7.38 24.38 -7.45
CA GLN A 79 -8.83 24.18 -7.55
C GLN A 79 -9.37 22.98 -6.78
N LEU A 80 -8.79 21.79 -6.96
CA LEU A 80 -9.33 20.56 -6.37
C LEU A 80 -8.49 20.05 -5.22
N TRP A 81 -9.13 19.83 -4.08
CA TRP A 81 -8.46 19.44 -2.85
C TRP A 81 -8.87 18.09 -2.35
N LEU A 82 -7.91 17.37 -1.75
CA LEU A 82 -8.18 16.13 -1.04
C LEU A 82 -7.37 16.29 0.26
N VAL A 83 -8.07 16.50 1.37
CA VAL A 83 -7.45 16.74 2.66
C VAL A 83 -7.45 15.48 3.49
N THR A 84 -6.26 15.14 4.04
CA THR A 84 -6.11 13.95 4.87
C THR A 84 -5.25 14.24 6.08
N ASP A 85 -5.06 13.22 6.93
CA ASP A 85 -4.14 13.31 8.02
C ASP A 85 -2.71 13.52 7.48
N PHE A 86 -1.89 14.11 8.34
CA PHE A 86 -0.48 14.35 8.04
C PHE A 86 0.36 13.45 8.93
N HIS A 87 1.34 12.76 8.32
CA HIS A 87 2.27 11.87 9.00
C HIS A 87 3.68 12.33 8.75
N GLU A 88 4.25 13.02 9.76
CA GLU A 88 5.58 13.64 9.72
C GLU A 88 6.71 12.74 9.22
N HIS A 89 6.71 11.43 9.57
CA HIS A 89 7.77 10.53 9.08
C HIS A 89 7.80 10.39 7.57
N GLY A 90 6.66 10.55 6.91
CA GLY A 90 6.63 10.31 5.50
C GLY A 90 6.49 8.83 5.21
N ASN A 91 7.03 8.41 4.07
CA ASN A 91 6.76 7.06 3.63
C ASN A 91 7.72 5.99 4.16
N LEU A 92 7.27 4.73 4.02
CA LEU A 92 7.99 3.59 4.52
C LEU A 92 9.34 3.41 3.84
N PHE A 93 9.40 3.72 2.54
CA PHE A 93 10.67 3.62 1.82
C PHE A 93 11.70 4.52 2.53
N ASP A 94 11.35 5.78 2.78
CA ASP A 94 12.30 6.67 3.44
C ASP A 94 12.60 6.22 4.83
N TYR A 95 11.59 5.74 5.57
CA TYR A 95 11.78 5.26 6.93
C TYR A 95 12.79 4.11 6.99
N LEU A 96 12.63 3.10 6.10
CA LEU A 96 13.52 1.95 6.08
C LEU A 96 14.91 2.29 5.61
N ASN A 97 15.06 3.36 4.81
CA ASN A 97 16.41 3.79 4.39
C ASN A 97 17.13 4.43 5.57
N ARG A 98 16.38 5.14 6.45
CA ARG A 98 17.01 5.80 7.60
C ARG A 98 17.26 4.89 8.80
N TYR A 99 16.30 4.00 9.12
CA TYR A 99 16.34 3.19 10.31
C TYR A 99 16.37 1.70 10.10
N THR A 100 16.89 1.02 11.12
CA THR A 100 16.72 -0.41 11.27
C THR A 100 15.56 -0.52 12.29
N VAL A 101 14.92 -1.71 12.36
CA VAL A 101 13.82 -1.91 13.28
C VAL A 101 14.10 -3.10 14.20
N THR A 102 13.47 -3.10 15.37
CA THR A 102 13.58 -4.24 16.27
C THR A 102 12.58 -5.30 15.76
N VAL A 103 12.58 -6.50 16.35
CA VAL A 103 11.59 -7.53 16.00
C VAL A 103 10.18 -6.94 16.22
N GLU A 104 9.98 -6.26 17.36
CA GLU A 104 8.69 -5.64 17.66
C GLU A 104 8.31 -4.61 16.58
N GLY A 105 9.27 -3.76 16.21
CA GLY A 105 9.05 -2.74 15.20
C GLY A 105 8.69 -3.33 13.85
N MET A 106 9.36 -4.44 13.46
CA MET A 106 9.04 -5.11 12.19
C MET A 106 7.61 -5.63 12.21
N ILE A 107 7.22 -6.33 13.31
CA ILE A 107 5.88 -6.90 13.41
C ILE A 107 4.84 -5.77 13.35
N LYS A 108 5.11 -4.62 14.02
CA LYS A 108 4.16 -3.50 14.01
C LYS A 108 3.96 -2.97 12.58
N LEU A 109 5.05 -2.85 11.80
CA LEU A 109 4.97 -2.33 10.42
C LEU A 109 4.25 -3.33 9.49
N ALA A 110 4.57 -4.62 9.66
CA ALA A 110 3.96 -5.67 8.82
C ALA A 110 2.50 -5.92 9.16
N LEU A 111 2.18 -6.04 10.45
CA LEU A 111 0.79 -6.25 10.83
C LEU A 111 -0.08 -5.07 10.46
N SER A 112 0.43 -3.85 10.65
CA SER A 112 -0.38 -2.68 10.29
C SER A 112 -0.65 -2.65 8.76
N THR A 113 0.38 -2.94 7.91
CA THR A 113 0.15 -2.96 6.48
C THR A 113 -0.89 -4.01 6.10
N ALA A 114 -0.76 -5.23 6.68
CA ALA A 114 -1.71 -6.31 6.38
C ALA A 114 -3.11 -5.98 6.86
N SER A 115 -3.22 -5.29 8.01
CA SER A 115 -4.53 -4.95 8.55
CA SER A 115 -4.53 -4.95 8.55
C SER A 115 -5.21 -3.94 7.63
N GLY A 116 -4.47 -2.95 7.15
CA GLY A 116 -5.04 -1.97 6.23
C GLY A 116 -5.46 -2.61 4.93
N LEU A 117 -4.61 -3.51 4.39
CA LEU A 117 -4.97 -4.17 3.14
C LEU A 117 -6.14 -5.12 3.34
N ALA A 118 -6.21 -5.83 4.48
CA ALA A 118 -7.37 -6.72 4.74
C ALA A 118 -8.65 -5.89 4.82
N HIS A 119 -8.58 -4.68 5.43
CA HIS A 119 -9.79 -3.85 5.48
C HIS A 119 -10.19 -3.40 4.06
N LEU A 120 -9.21 -2.95 3.28
N LEU A 120 -9.22 -2.93 3.22
CA LEU A 120 -9.45 -2.53 1.92
CA LEU A 120 -9.56 -2.53 1.85
C LEU A 120 -10.14 -3.64 1.12
C LEU A 120 -10.21 -3.68 1.12
N HIS A 121 -9.60 -4.88 1.21
CA HIS A 121 -10.11 -6.04 0.45
C HIS A 121 -11.43 -6.59 0.93
N MET A 122 -11.79 -6.34 2.19
CA MET A 122 -12.98 -6.95 2.83
C MET A 122 -14.29 -6.44 2.32
N GLU A 123 -15.17 -7.38 1.95
CA GLU A 123 -16.53 -7.07 1.56
C GLU A 123 -17.36 -7.28 2.85
N ILE A 124 -18.07 -6.24 3.26
CA ILE A 124 -18.98 -6.25 4.42
C ILE A 124 -20.40 -6.18 3.86
N VAL A 125 -21.25 -7.16 4.24
CA VAL A 125 -22.64 -7.21 3.78
C VAL A 125 -23.61 -6.63 4.82
N GLY A 126 -24.48 -5.72 4.37
CA GLY A 126 -25.48 -5.07 5.21
C GLY A 126 -26.04 -3.78 4.65
N THR A 127 -26.38 -2.84 5.55
CA THR A 127 -26.92 -1.51 5.23
C THR A 127 -25.79 -0.49 5.25
N GLN A 128 -24.91 -0.57 6.27
CA GLN A 128 -23.73 0.28 6.42
C GLN A 128 -22.53 -0.53 5.87
N GLY A 129 -22.84 -1.40 4.92
CA GLY A 129 -21.93 -2.33 4.25
C GLY A 129 -20.77 -1.71 3.52
N LYS A 130 -19.86 -2.57 3.06
CA LYS A 130 -18.65 -2.11 2.39
C LYS A 130 -18.29 -3.00 1.20
N PRO A 131 -18.00 -2.42 0.02
CA PRO A 131 -17.53 -3.23 -1.10
C PRO A 131 -16.03 -3.49 -0.96
N ALA A 132 -15.58 -4.53 -1.63
CA ALA A 132 -14.14 -4.85 -1.65
C ALA A 132 -13.42 -3.84 -2.55
N ILE A 133 -12.21 -3.45 -2.17
CA ILE A 133 -11.39 -2.52 -2.94
C ILE A 133 -9.99 -3.12 -3.07
N ALA A 134 -9.40 -3.01 -4.28
CA ALA A 134 -8.02 -3.42 -4.53
C ALA A 134 -7.21 -2.17 -4.86
N HIS A 135 -5.96 -2.12 -4.39
CA HIS A 135 -5.15 -0.93 -4.50
C HIS A 135 -4.51 -0.70 -5.87
N ARG A 136 -3.85 -1.76 -6.39
CA ARG A 136 -3.20 -1.85 -7.69
C ARG A 136 -1.84 -1.17 -7.77
N ASP A 137 -1.36 -0.52 -6.71
CA ASP A 137 -0.01 0.04 -6.77
C ASP A 137 0.63 0.06 -5.40
N LEU A 138 0.53 -1.08 -4.68
CA LEU A 138 1.10 -1.15 -3.35
C LEU A 138 2.61 -1.30 -3.44
N LYS A 139 3.32 -0.52 -2.61
CA LYS A 139 4.77 -0.48 -2.59
C LYS A 139 5.19 0.32 -1.36
N SER A 140 6.47 0.24 -0.97
CA SER A 140 6.88 0.97 0.22
C SER A 140 6.79 2.50 0.09
N LYS A 141 6.80 3.02 -1.14
CA LYS A 141 6.65 4.47 -1.35
C LYS A 141 5.20 4.92 -1.12
N ASN A 142 4.21 3.99 -1.07
CA ASN A 142 2.78 4.30 -0.89
C ASN A 142 2.24 3.89 0.44
N ILE A 143 3.12 3.70 1.40
CA ILE A 143 2.78 3.40 2.75
C ILE A 143 3.38 4.50 3.59
N LEU A 144 2.62 5.08 4.52
CA LEU A 144 3.12 6.12 5.41
C LEU A 144 3.36 5.55 6.80
N VAL A 145 4.36 6.08 7.54
CA VAL A 145 4.65 5.60 8.87
C VAL A 145 4.14 6.64 9.88
N LYS A 146 3.25 6.21 10.76
CA LYS A 146 2.68 7.09 11.78
C LYS A 146 3.63 7.27 12.96
N LYS A 147 3.34 8.24 13.83
CA LYS A 147 4.17 8.53 15.02
C LYS A 147 4.29 7.29 15.92
N ASN A 148 3.22 6.47 16.03
CA ASN A 148 3.24 5.26 16.87
C ASN A 148 4.02 4.08 16.25
N GLY A 149 4.67 4.27 15.10
CA GLY A 149 5.47 3.20 14.50
C GLY A 149 4.69 2.18 13.71
N THR A 150 3.43 2.51 13.39
CA THR A 150 2.58 1.64 12.57
C THR A 150 2.36 2.35 11.25
N CYS A 151 1.81 1.61 10.28
CA CYS A 151 1.69 2.07 8.89
C CYS A 151 0.30 2.44 8.51
N CYS A 152 0.17 3.25 7.45
CA CYS A 152 -1.12 3.38 6.81
C CYS A 152 -0.94 3.49 5.31
N ILE A 153 -1.85 2.90 4.58
CA ILE A 153 -1.77 2.83 3.12
C ILE A 153 -2.39 4.07 2.52
N CYS A 154 -1.72 4.62 1.50
CA CYS A 154 -2.20 5.80 0.78
C CYS A 154 -2.14 5.58 -0.71
N ASP A 155 -2.60 6.59 -1.44
CA ASP A 155 -2.60 6.70 -2.89
C ASP A 155 -3.55 5.72 -3.54
N PHE A 156 -4.82 6.14 -3.62
CA PHE A 156 -5.89 5.33 -4.17
C PHE A 156 -6.26 5.74 -5.62
N GLY A 157 -5.34 6.42 -6.30
CA GLY A 157 -5.52 6.87 -7.68
C GLY A 157 -5.75 5.76 -8.70
N LEU A 158 -5.31 4.53 -8.38
CA LEU A 158 -5.44 3.37 -9.28
C LEU A 158 -6.35 2.29 -8.72
N ALA A 159 -7.00 2.57 -7.57
CA ALA A 159 -7.82 1.58 -6.90
C ALA A 159 -9.04 1.16 -7.72
N VAL A 160 -9.54 -0.04 -7.44
CA VAL A 160 -10.69 -0.64 -8.11
C VAL A 160 -11.69 -1.06 -7.06
N ARG A 161 -12.98 -0.86 -7.35
CA ARG A 161 -14.03 -1.19 -6.40
C ARG A 161 -14.85 -2.30 -7.03
N HIS A 162 -15.26 -3.29 -6.23
CA HIS A 162 -16.04 -4.39 -6.76
C HIS A 162 -17.49 -4.29 -6.33
N ASP A 163 -18.39 -4.74 -7.21
CA ASP A 163 -19.80 -4.92 -6.87
C ASP A 163 -20.02 -6.44 -6.97
N SER A 164 -20.09 -7.13 -5.82
CA SER A 164 -20.24 -8.60 -5.76
C SER A 164 -21.57 -9.12 -6.33
N ALA A 165 -22.63 -8.29 -6.29
CA ALA A 165 -23.97 -8.63 -6.78
C ALA A 165 -24.06 -8.74 -8.30
N THR A 166 -23.67 -7.67 -9.03
CA THR A 166 -23.72 -7.61 -10.49
C THR A 166 -22.36 -7.83 -11.16
N ASP A 167 -21.33 -8.24 -10.37
CA ASP A 167 -19.95 -8.51 -10.82
C ASP A 167 -19.25 -7.30 -11.48
N THR A 168 -19.80 -6.08 -11.29
CA THR A 168 -19.26 -4.84 -11.86
C THR A 168 -17.97 -4.39 -11.17
N ILE A 169 -16.91 -4.18 -11.96
CA ILE A 169 -15.63 -3.69 -11.45
C ILE A 169 -15.49 -2.24 -11.90
N ASP A 170 -15.44 -1.32 -10.92
CA ASP A 170 -15.23 0.10 -11.20
C ASP A 170 -13.72 0.23 -11.38
N ILE A 171 -13.28 0.28 -12.65
CA ILE A 171 -11.88 0.31 -13.03
C ILE A 171 -11.56 1.45 -14.02
N ALA A 172 -10.47 2.17 -13.77
CA ALA A 172 -9.97 3.26 -14.60
C ALA A 172 -8.44 3.35 -14.43
N PRO A 173 -7.64 2.86 -15.42
CA PRO A 173 -8.04 2.25 -16.70
C PRO A 173 -8.20 0.72 -16.61
N ASN A 174 -8.88 0.14 -17.61
CA ASN A 174 -9.10 -1.30 -17.69
C ASN A 174 -7.93 -2.01 -18.43
N HIS A 175 -6.69 -1.74 -17.98
CA HIS A 175 -5.46 -2.35 -18.53
C HIS A 175 -4.33 -2.35 -17.46
N ARG A 176 -3.13 -2.86 -17.81
CA ARG A 176 -1.92 -2.94 -16.97
C ARG A 176 -1.47 -1.57 -16.44
N VAL A 177 -1.35 -1.45 -15.11
CA VAL A 177 -0.94 -0.24 -14.39
C VAL A 177 0.00 -0.66 -13.28
N GLY A 178 0.60 0.33 -12.63
CA GLY A 178 1.42 0.09 -11.46
C GLY A 178 2.88 0.18 -11.71
N THR A 179 3.63 0.00 -10.64
CA THR A 179 5.07 0.06 -10.62
C THR A 179 5.61 -1.29 -11.10
N LYS A 180 6.37 -1.29 -12.22
CA LYS A 180 6.84 -2.52 -12.84
C LYS A 180 7.58 -3.44 -11.87
N ARG A 181 8.42 -2.90 -11.00
CA ARG A 181 9.15 -3.71 -10.02
C ARG A 181 8.24 -4.59 -9.13
N TYR A 182 7.05 -4.08 -8.81
CA TYR A 182 6.15 -4.78 -7.89
C TYR A 182 5.05 -5.55 -8.61
N MET A 183 5.06 -5.61 -9.96
CA MET A 183 4.00 -6.29 -10.70
C MET A 183 4.09 -7.80 -10.51
N ALA A 184 2.94 -8.41 -10.26
CA ALA A 184 2.84 -9.85 -10.10
C ALA A 184 3.13 -10.59 -11.42
N PRO A 185 3.60 -11.85 -11.37
CA PRO A 185 3.89 -12.56 -12.63
C PRO A 185 2.78 -12.52 -13.66
N GLU A 186 1.51 -12.71 -13.21
CA GLU A 186 0.35 -12.73 -14.11
C GLU A 186 0.08 -11.37 -14.73
N VAL A 187 0.52 -10.30 -14.07
CA VAL A 187 0.39 -8.95 -14.64
C VAL A 187 1.51 -8.77 -15.68
N LEU A 188 2.73 -9.18 -15.35
CA LEU A 188 3.88 -9.08 -16.24
C LEU A 188 3.72 -9.87 -17.53
N ASP A 189 3.03 -11.02 -17.49
CA ASP A 189 2.90 -11.88 -18.67
C ASP A 189 1.53 -11.80 -19.36
N ASP A 190 0.66 -10.88 -18.91
CA ASP A 190 -0.70 -10.59 -19.43
C ASP A 190 -1.69 -11.74 -19.28
N SER A 191 -1.40 -12.74 -18.41
CA SER A 191 -2.33 -13.85 -18.21
C SER A 191 -3.44 -13.51 -17.21
N ILE A 192 -3.29 -12.41 -16.45
CA ILE A 192 -4.30 -11.99 -15.49
C ILE A 192 -5.70 -11.85 -16.10
N ASN A 193 -6.70 -12.39 -15.41
CA ASN A 193 -8.07 -12.27 -15.86
C ASN A 193 -8.59 -10.94 -15.27
N MET A 194 -8.63 -9.89 -16.11
CA MET A 194 -9.07 -8.55 -15.74
C MET A 194 -10.56 -8.44 -15.38
N LYS A 195 -11.37 -9.47 -15.71
CA LYS A 195 -12.79 -9.43 -15.38
C LYS A 195 -13.10 -10.14 -14.06
N HIS A 196 -12.05 -10.66 -13.38
CA HIS A 196 -12.21 -11.38 -12.13
C HIS A 196 -11.63 -10.49 -11.02
N PHE A 197 -12.48 -9.98 -10.10
CA PHE A 197 -11.99 -9.06 -9.08
C PHE A 197 -10.88 -9.67 -8.22
N GLU A 198 -10.96 -10.97 -7.97
CA GLU A 198 -9.96 -11.67 -7.16
C GLU A 198 -8.59 -11.47 -7.74
N SER A 199 -8.47 -11.34 -9.06
CA SER A 199 -7.16 -11.15 -9.68
C SER A 199 -6.44 -9.94 -9.07
N PHE A 200 -7.19 -8.86 -8.81
CA PHE A 200 -6.61 -7.64 -8.28
C PHE A 200 -6.16 -7.80 -6.86
N LYS A 201 -6.93 -8.51 -6.06
CA LYS A 201 -6.54 -8.78 -4.67
C LYS A 201 -5.26 -9.62 -4.65
N ARG A 202 -5.18 -10.65 -5.51
CA ARG A 202 -4.00 -11.52 -5.55
C ARG A 202 -2.74 -10.76 -5.93
N ALA A 203 -2.86 -9.82 -6.86
CA ALA A 203 -1.73 -9.02 -7.30
C ALA A 203 -1.26 -8.07 -6.18
N ASP A 204 -2.21 -7.52 -5.39
CA ASP A 204 -1.86 -6.70 -4.23
C ASP A 204 -1.08 -7.55 -3.21
N ILE A 205 -1.48 -8.81 -3.03
CA ILE A 205 -0.81 -9.67 -2.06
C ILE A 205 0.63 -9.92 -2.45
N TYR A 206 0.85 -10.20 -3.76
CA TYR A 206 2.23 -10.39 -4.20
C TYR A 206 3.08 -9.15 -3.86
N ALA A 207 2.55 -7.95 -4.14
CA ALA A 207 3.28 -6.72 -3.86
C ALA A 207 3.52 -6.57 -2.36
N MET A 208 2.51 -6.90 -1.53
CA MET A 208 2.71 -6.79 -0.08
C MET A 208 3.84 -7.72 0.38
N GLY A 209 3.94 -8.92 -0.22
CA GLY A 209 5.04 -9.82 0.14
C GLY A 209 6.41 -9.17 -0.13
N LEU A 210 6.54 -8.45 -1.26
CA LEU A 210 7.78 -7.72 -1.55
C LEU A 210 8.03 -6.64 -0.52
N VAL A 211 6.98 -5.90 -0.08
CA VAL A 211 7.16 -4.90 0.96
C VAL A 211 7.63 -5.57 2.27
N PHE A 212 7.03 -6.75 2.61
CA PHE A 212 7.48 -7.42 3.84
C PHE A 212 8.97 -7.77 3.75
N TRP A 213 9.43 -8.17 2.57
CA TRP A 213 10.86 -8.49 2.43
C TRP A 213 11.69 -7.22 2.70
N GLU A 214 11.24 -6.05 2.19
CA GLU A 214 11.98 -4.80 2.45
C GLU A 214 12.08 -4.52 3.94
N ILE A 215 10.98 -4.73 4.71
CA ILE A 215 10.97 -4.48 6.14
C ILE A 215 11.89 -5.47 6.85
N ALA A 216 11.75 -6.78 6.56
CA ALA A 216 12.51 -7.82 7.26
C ALA A 216 14.00 -7.61 7.09
N ARG A 217 14.46 -7.14 5.93
CA ARG A 217 15.90 -6.89 5.71
C ARG A 217 16.43 -5.92 6.75
N ARG A 218 15.57 -5.02 7.21
CA ARG A 218 15.94 -3.98 8.17
C ARG A 218 15.75 -4.37 9.61
N CYS A 219 15.36 -5.61 9.86
CA CYS A 219 15.15 -6.05 11.23
C CYS A 219 16.49 -6.43 11.81
N SER A 220 16.90 -5.65 12.82
CA SER A 220 18.18 -5.77 13.53
C SER A 220 18.02 -6.50 14.86
N ILE A 221 18.68 -7.66 14.98
CA ILE A 221 18.72 -8.48 16.20
C ILE A 221 20.20 -8.59 16.60
N GLY A 222 20.57 -7.85 17.66
CA GLY A 222 21.92 -7.76 18.17
C GLY A 222 22.85 -7.02 17.22
N GLY A 223 22.31 -6.04 16.52
CA GLY A 223 23.06 -5.24 15.54
C GLY A 223 23.19 -5.85 14.16
N ILE A 224 22.75 -7.11 13.98
CA ILE A 224 22.83 -7.83 12.69
C ILE A 224 21.58 -7.61 11.83
N HIS A 225 21.77 -7.04 10.62
CA HIS A 225 20.71 -6.73 9.65
C HIS A 225 21.32 -6.52 8.25
N GLU A 226 20.46 -6.32 7.23
CA GLU A 226 20.93 -6.03 5.87
C GLU A 226 20.75 -4.55 5.56
N ASP A 227 21.49 -4.04 4.53
CA ASP A 227 21.39 -2.67 4.03
C ASP A 227 20.01 -2.53 3.33
N TYR A 228 19.46 -1.29 3.27
CA TYR A 228 18.13 -1.13 2.62
C TYR A 228 18.27 -1.43 1.11
N GLN A 229 17.33 -2.23 0.55
CA GLN A 229 17.25 -2.41 -0.88
C GLN A 229 15.82 -2.59 -1.35
N LEU A 230 15.55 -2.18 -2.59
CA LEU A 230 14.29 -2.44 -3.24
C LEU A 230 14.25 -3.91 -3.65
N PRO A 231 13.07 -4.53 -3.74
CA PRO A 231 13.03 -5.92 -4.23
C PRO A 231 13.62 -5.97 -5.64
N TYR A 232 14.38 -7.05 -5.91
CA TYR A 232 14.99 -7.29 -7.24
C TYR A 232 16.15 -6.34 -7.55
N TYR A 233 16.71 -5.65 -6.50
CA TYR A 233 17.83 -4.73 -6.69
C TYR A 233 19.01 -5.39 -7.38
N ASP A 234 19.14 -6.70 -7.16
CA ASP A 234 20.26 -7.54 -7.61
C ASP A 234 20.05 -8.18 -8.98
N LEU A 235 18.83 -8.11 -9.50
CA LEU A 235 18.41 -8.81 -10.73
C LEU A 235 17.90 -7.98 -11.90
N VAL A 236 17.49 -6.73 -11.65
CA VAL A 236 16.98 -5.88 -12.71
C VAL A 236 17.67 -4.52 -12.59
N PRO A 237 17.80 -3.75 -13.69
CA PRO A 237 18.36 -2.41 -13.56
C PRO A 237 17.35 -1.43 -12.95
N SER A 238 17.79 -0.20 -12.57
CA SER A 238 16.89 0.84 -12.06
C SER A 238 15.84 1.13 -13.14
N ASP A 239 14.58 1.46 -12.76
CA ASP A 239 13.48 1.71 -13.72
C ASP A 239 13.33 0.53 -14.72
N PRO A 240 13.07 -0.69 -14.22
CA PRO A 240 13.01 -1.85 -15.11
C PRO A 240 11.84 -1.82 -16.07
N SER A 241 12.04 -2.35 -17.29
CA SER A 241 10.98 -2.44 -18.28
C SER A 241 10.11 -3.67 -17.96
N VAL A 242 8.93 -3.80 -18.62
CA VAL A 242 8.08 -5.00 -18.44
C VAL A 242 8.89 -6.25 -18.89
N GLU A 243 9.65 -6.16 -20.02
CA GLU A 243 10.47 -7.30 -20.49
C GLU A 243 11.51 -7.77 -19.47
N GLU A 244 12.24 -6.82 -18.86
CA GLU A 244 13.27 -7.15 -17.87
C GLU A 244 12.65 -7.86 -16.65
N MET A 245 11.48 -7.34 -16.20
CA MET A 245 10.79 -7.91 -15.05
C MET A 245 10.26 -9.31 -15.41
N ARG A 246 9.67 -9.44 -16.61
CA ARG A 246 9.12 -10.72 -17.03
C ARG A 246 10.20 -11.81 -17.06
N LYS A 247 11.40 -11.47 -17.53
CA LYS A 247 12.48 -12.44 -17.62
C LYS A 247 12.85 -12.99 -16.25
N VAL A 248 12.97 -12.11 -15.24
CA VAL A 248 13.35 -12.53 -13.89
C VAL A 248 12.19 -13.25 -13.15
N VAL A 249 11.00 -12.63 -13.17
CA VAL A 249 9.86 -13.08 -12.37
C VAL A 249 9.11 -14.24 -13.00
N CYS A 250 8.87 -14.18 -14.32
CA CYS A 250 8.10 -15.19 -15.03
C CYS A 250 8.95 -16.32 -15.56
N GLU A 251 9.93 -15.99 -16.41
CA GLU A 251 10.78 -16.97 -17.09
C GLU A 251 11.69 -17.70 -16.13
N GLN A 252 12.49 -16.96 -15.36
CA GLN A 252 13.44 -17.50 -14.39
C GLN A 252 12.80 -17.92 -13.06
N LYS A 253 11.56 -17.47 -12.78
CA LYS A 253 10.80 -17.82 -11.56
C LYS A 253 11.54 -17.37 -10.29
N LEU A 254 12.26 -16.24 -10.39
CA LEU A 254 13.00 -15.76 -9.27
C LEU A 254 12.19 -14.81 -8.39
N ARG A 255 12.50 -14.81 -7.09
CA ARG A 255 11.89 -13.90 -6.13
C ARG A 255 13.04 -13.32 -5.29
N PRO A 256 12.82 -12.28 -4.50
CA PRO A 256 13.90 -11.75 -3.65
C PRO A 256 14.48 -12.84 -2.76
N ASN A 257 15.81 -12.83 -2.60
CA ASN A 257 16.45 -13.86 -1.84
C ASN A 257 16.13 -13.74 -0.38
N ILE A 258 15.79 -14.87 0.24
CA ILE A 258 15.50 -14.94 1.65
C ILE A 258 16.80 -15.38 2.37
N PRO A 259 17.42 -14.49 3.20
CA PRO A 259 18.67 -14.86 3.91
C PRO A 259 18.51 -16.09 4.81
N ASN A 260 19.52 -16.97 4.80
CA ASN A 260 19.47 -18.21 5.57
C ASN A 260 19.32 -17.94 7.07
N ARG A 261 19.87 -16.80 7.52
CA ARG A 261 19.81 -16.34 8.91
C ARG A 261 18.40 -15.97 9.41
N TRP A 262 17.40 -15.78 8.51
CA TRP A 262 16.02 -15.48 8.92
C TRP A 262 15.34 -16.69 9.54
N GLN A 263 15.91 -17.89 9.30
CA GLN A 263 15.43 -19.14 9.87
C GLN A 263 15.77 -19.25 11.38
N SER A 264 16.71 -18.44 11.88
CA SER A 264 17.12 -18.50 13.27
C SER A 264 16.17 -17.78 14.25
N CYS A 265 15.33 -16.85 13.77
CA CYS A 265 14.43 -16.05 14.60
C CYS A 265 12.96 -16.40 14.26
N GLU A 266 12.08 -16.76 15.25
CA GLU A 266 10.67 -17.10 15.00
C GLU A 266 9.91 -16.01 14.21
N ALA A 267 10.07 -14.73 14.59
CA ALA A 267 9.36 -13.65 13.87
C ALA A 267 9.80 -13.57 12.42
N LEU A 268 11.13 -13.67 12.15
CA LEU A 268 11.64 -13.68 10.79
C LEU A 268 11.22 -14.96 10.04
N ARG A 269 11.13 -16.11 10.76
CA ARG A 269 10.65 -17.34 10.12
C ARG A 269 9.19 -17.16 9.65
N VAL A 270 8.33 -16.60 10.52
CA VAL A 270 6.92 -16.33 10.22
C VAL A 270 6.84 -15.36 9.01
N MET A 271 7.65 -14.30 9.04
CA MET A 271 7.67 -13.33 7.92
C MET A 271 8.09 -14.01 6.62
N ALA A 272 9.15 -14.84 6.66
CA ALA A 272 9.65 -15.49 5.46
C ALA A 272 8.58 -16.46 4.86
N LYS A 273 7.88 -17.19 5.73
CA LYS A 273 6.83 -18.12 5.30
C LYS A 273 5.69 -17.30 4.64
N ILE A 274 5.32 -16.14 5.24
CA ILE A 274 4.29 -15.28 4.61
C ILE A 274 4.78 -14.82 3.23
N MET A 275 6.05 -14.35 3.12
CA MET A 275 6.54 -13.92 1.81
C MET A 275 6.42 -15.02 0.79
N ARG A 276 6.89 -16.23 1.12
CA ARG A 276 6.82 -17.30 0.13
C ARG A 276 5.39 -17.57 -0.31
N GLU A 277 4.45 -17.46 0.64
CA GLU A 277 3.05 -17.74 0.35
C GLU A 277 2.33 -16.56 -0.29
N CYS A 278 3.01 -15.41 -0.51
CA CYS A 278 2.51 -14.25 -1.27
C CYS A 278 3.08 -14.35 -2.67
N TRP A 279 4.14 -15.17 -2.85
CA TRP A 279 4.96 -15.08 -4.08
C TRP A 279 4.72 -16.16 -5.10
N TYR A 280 3.83 -17.10 -4.81
CA TYR A 280 3.58 -18.14 -5.79
C TYR A 280 3.20 -17.59 -7.13
N ALA A 281 3.66 -18.24 -8.22
CA ALA A 281 3.26 -17.80 -9.56
C ALA A 281 1.78 -17.95 -9.72
N ASN A 282 1.21 -19.00 -9.11
CA ASN A 282 -0.22 -19.24 -9.12
C ASN A 282 -0.87 -18.27 -8.11
N GLY A 283 -1.43 -17.18 -8.62
CA GLY A 283 -2.07 -16.19 -7.76
C GLY A 283 -3.18 -16.74 -6.89
N ALA A 284 -3.91 -17.76 -7.40
CA ALA A 284 -5.00 -18.35 -6.63
C ALA A 284 -4.52 -19.17 -5.43
N ALA A 285 -3.21 -19.46 -5.32
CA ALA A 285 -2.67 -20.19 -4.17
C ALA A 285 -2.18 -19.25 -3.07
N ARG A 286 -2.04 -17.92 -3.39
CA ARG A 286 -1.52 -16.97 -2.41
C ARG A 286 -2.42 -16.82 -1.19
N LEU A 287 -1.81 -16.46 -0.06
CA LEU A 287 -2.57 -16.11 1.13
C LEU A 287 -3.50 -14.91 0.89
N THR A 288 -4.54 -14.78 1.72
CA THR A 288 -5.34 -13.57 1.69
C THR A 288 -4.77 -12.58 2.71
N ALA A 289 -5.14 -11.28 2.55
CA ALA A 289 -4.67 -10.28 3.49
C ALA A 289 -5.22 -10.54 4.88
N LEU A 290 -6.47 -11.00 4.97
CA LEU A 290 -7.04 -11.28 6.29
C LEU A 290 -6.24 -12.38 7.02
N ARG A 291 -5.85 -13.44 6.28
CA ARG A 291 -5.09 -14.52 6.90
C ARG A 291 -3.72 -14.09 7.33
N ILE A 292 -3.06 -13.22 6.53
CA ILE A 292 -1.76 -12.70 6.95
C ILE A 292 -1.94 -11.83 8.20
N LYS A 293 -2.95 -10.94 8.19
CA LYS A 293 -3.20 -10.13 9.38
C LYS A 293 -3.34 -11.00 10.65
N LYS A 294 -4.16 -12.05 10.56
CA LYS A 294 -4.40 -12.89 11.75
C LYS A 294 -3.19 -13.72 12.15
N THR A 295 -2.32 -14.11 11.20
CA THR A 295 -1.10 -14.80 11.58
C THR A 295 -0.20 -13.87 12.37
N LEU A 296 -0.06 -12.61 11.89
CA LEU A 296 0.81 -11.65 12.56
C LEU A 296 0.19 -11.18 13.86
N SER A 297 -1.14 -11.12 13.94
CA SER A 297 -1.87 -10.73 15.18
C SER A 297 -1.64 -11.78 16.27
N GLN A 298 -1.67 -13.06 15.89
CA GLN A 298 -1.49 -14.15 16.86
C GLN A 298 -0.10 -14.11 17.44
N LEU A 299 0.88 -13.87 16.58
CA LEU A 299 2.27 -13.75 16.95
C LEU A 299 2.47 -12.56 17.88
N SER A 300 1.91 -11.37 17.52
CA SER A 300 2.03 -10.20 18.39
C SER A 300 1.36 -10.44 19.75
N GLN A 301 0.17 -11.07 19.77
CA GLN A 301 -0.58 -11.35 21.01
C GLN A 301 0.21 -12.22 21.95
N GLN A 302 0.75 -13.32 21.43
CA GLN A 302 1.51 -14.28 22.24
C GLN A 302 2.80 -13.71 22.76
N GLU A 303 3.42 -12.80 21.99
CA GLU A 303 4.67 -12.13 22.34
C GLU A 303 4.49 -10.86 23.20
N GLY A 304 3.24 -10.47 23.45
CA GLY A 304 2.90 -9.30 24.26
C GLY A 304 3.08 -7.95 23.56
N ILE A 305 2.98 -7.95 22.23
CA ILE A 305 3.08 -6.71 21.45
C ILE A 305 1.68 -6.12 21.32
N LYS A 306 1.51 -4.87 21.76
CA LYS A 306 0.23 -4.15 21.72
C LYS A 306 0.26 -2.98 20.75
N MET A 307 -0.81 -2.82 19.95
CA MET A 307 -0.92 -1.79 18.91
C MET A 307 -1.86 -0.65 19.31
#